data_5C7U
#
_entry.id   5C7U
#
_cell.length_a   52.600
_cell.length_b   52.600
_cell.length_c   278.120
_cell.angle_alpha   90.00
_cell.angle_beta   90.00
_cell.angle_gamma   120.00
#
_symmetry.space_group_name_H-M   'P 65 2 2'
#
loop_
_entity.id
_entity.type
_entity.pdbx_description
1 polymer "5'-monophosphate wt guanine riboswitch"
2 non-polymer 'COBALT HEXAMMINE(III)'
3 non-polymer HYPOXANTHINE
#
_entity_poly.entity_id   1
_entity_poly.type   'polyribonucleotide'
_entity_poly.pdbx_seq_one_letter_code
;GGACAUAUAAUCGCGUGGAUAUGGCACGCAAGUUUCUACCGGGCACCGUAAAUGUCCGACUAUGUCC
;
_entity_poly.pdbx_strand_id   B
#